data_6EP3
#
_entry.id   6EP3
#
_cell.length_a   122.445
_cell.length_b   122.445
_cell.length_c   61.130
_cell.angle_alpha   90.00
_cell.angle_beta   90.00
_cell.angle_gamma   90.00
#
_symmetry.space_group_name_H-M   'P 41'
#
loop_
_entity.id
_entity.type
_entity.pdbx_description
1 polymer 'Lmo0651 protein'
2 non-polymer 1,2-ETHANEDIOL
3 non-polymer 'SULFATE ION'
4 non-polymer '4-(2-HYDROXYETHYL)-1-PIPERAZINE ETHANESULFONIC ACID'
5 water water
#
_entity_poly.entity_id   1
_entity_poly.type   'polypeptide(L)'
_entity_poly.pdbx_seq_one_letter_code
;MANKFKTLDKMVYNLLLEKIKNGELVPNEHLAEEKLAREFGVSRSPLRKAIATLTAQGIVSYHENSGAVLNDCIVDADRY
VQLMETIEIFVDAAIAKAAHFGYEMDLEKLYARMQEMERFSYLTDLENYFDAHHRFILCLISFAENPYQVRIVKQIFFQM
VHFSDGINMFKSVEIREWTNKKSNQIYELLAEGKIELARKTIKSMFAELTIQAYRLEHHHHHH
;
_entity_poly.pdbx_strand_id   A,B
#
# COMPACT_ATOMS: atom_id res chain seq x y z
N ASN A 3 26.14 -13.86 -7.59
CA ASN A 3 26.94 -14.76 -8.40
C ASN A 3 26.24 -14.96 -9.74
N LYS A 4 27.02 -14.84 -10.83
CA LYS A 4 26.54 -14.91 -12.21
C LYS A 4 25.64 -13.72 -12.56
N PHE A 5 26.27 -12.55 -12.58
CA PHE A 5 25.60 -11.32 -13.00
C PHE A 5 25.75 -11.15 -14.51
N LYS A 6 24.80 -10.44 -15.12
CA LYS A 6 24.85 -10.16 -16.55
C LYS A 6 25.03 -8.70 -16.89
N THR A 7 24.73 -7.79 -15.96
CA THR A 7 24.97 -6.36 -16.15
C THR A 7 25.61 -5.81 -14.88
N LEU A 8 26.33 -4.69 -15.03
CA LEU A 8 26.99 -4.10 -13.87
C LEU A 8 26.00 -3.47 -12.90
N ASP A 9 24.89 -2.94 -13.41
CA ASP A 9 23.89 -2.35 -12.53
C ASP A 9 23.29 -3.40 -11.60
N LYS A 10 22.65 -4.42 -12.18
CA LYS A 10 22.06 -5.49 -11.38
C LYS A 10 23.07 -6.06 -10.38
N MET A 11 24.34 -6.12 -10.77
CA MET A 11 25.38 -6.54 -9.83
C MET A 11 25.46 -5.57 -8.65
N VAL A 12 25.78 -4.30 -8.94
CA VAL A 12 25.99 -3.32 -7.87
C VAL A 12 24.77 -3.26 -6.97
N TYR A 13 23.59 -3.13 -7.59
CA TYR A 13 22.32 -3.20 -6.87
C TYR A 13 22.31 -4.35 -5.88
N ASN A 14 22.47 -5.57 -6.41
CA ASN A 14 22.43 -6.75 -5.55
C ASN A 14 23.40 -6.62 -4.40
N LEU A 15 24.64 -6.22 -4.68
CA LEU A 15 25.62 -6.03 -3.61
C LEU A 15 25.05 -5.10 -2.54
N LEU A 16 24.65 -3.90 -2.96
CA LEU A 16 24.06 -2.96 -2.03
C LEU A 16 22.85 -3.57 -1.34
N LEU A 17 22.02 -4.31 -2.09
CA LEU A 17 20.82 -4.87 -1.51
C LEU A 17 21.18 -5.86 -0.40
N GLU A 18 22.25 -6.64 -0.59
CA GLU A 18 22.65 -7.55 0.48
C GLU A 18 23.23 -6.79 1.66
N LYS A 19 23.85 -5.64 1.41
CA LYS A 19 24.29 -4.80 2.52
C LYS A 19 23.10 -4.36 3.36
N ILE A 20 21.91 -4.30 2.75
CA ILE A 20 20.72 -3.97 3.51
C ILE A 20 20.20 -5.21 4.24
N LYS A 21 20.43 -6.40 3.69
CA LYS A 21 19.87 -7.60 4.30
C LYS A 21 20.75 -8.17 5.40
N ASN A 22 22.06 -8.23 5.18
CA ASN A 22 22.96 -8.74 6.22
C ASN A 22 23.07 -7.80 7.41
N GLY A 23 22.63 -6.56 7.28
CA GLY A 23 22.59 -5.64 8.39
C GLY A 23 23.81 -4.75 8.54
N GLU A 24 24.68 -4.70 7.54
CA GLU A 24 25.84 -3.81 7.64
C GLU A 24 25.47 -2.36 7.49
N LEU A 25 24.30 -2.05 6.95
CA LEU A 25 23.81 -0.69 6.87
C LEU A 25 22.54 -0.57 7.68
N VAL A 26 22.52 0.35 8.64
CA VAL A 26 21.43 0.48 9.59
C VAL A 26 20.30 1.32 9.01
N PRO A 27 19.05 1.00 9.35
CA PRO A 27 17.93 1.86 8.96
C PRO A 27 18.15 3.29 9.39
N ASN A 28 17.58 4.22 8.61
CA ASN A 28 17.68 5.66 8.83
C ASN A 28 19.12 6.17 8.69
N GLU A 29 20.03 5.35 8.19
CA GLU A 29 21.40 5.79 7.95
C GLU A 29 21.50 6.44 6.59
N HIS A 30 22.33 7.47 6.49
CA HIS A 30 22.58 8.11 5.21
C HIS A 30 23.57 7.28 4.42
N LEU A 31 23.26 7.05 3.15
CA LEU A 31 24.10 6.20 2.30
C LEU A 31 25.31 6.99 1.83
N ALA A 32 26.51 6.49 2.14
CA ALA A 32 27.76 7.10 1.69
C ALA A 32 28.04 6.61 0.29
N GLU A 33 27.47 7.31 -0.70
CA GLU A 33 27.55 6.87 -2.09
C GLU A 33 28.99 6.75 -2.57
N GLU A 34 29.86 7.65 -2.12
CA GLU A 34 31.25 7.64 -2.60
C GLU A 34 32.04 6.49 -2.00
N LYS A 35 31.88 6.25 -0.70
CA LYS A 35 32.57 5.11 -0.09
C LYS A 35 32.00 3.79 -0.59
N LEU A 36 30.70 3.74 -0.86
CA LEU A 36 30.09 2.52 -1.39
C LEU A 36 30.57 2.25 -2.81
N ALA A 37 30.64 3.29 -3.65
CA ALA A 37 31.12 3.11 -5.02
C ALA A 37 32.58 2.68 -5.04
N ARG A 38 33.39 3.22 -4.11
CA ARG A 38 34.79 2.82 -4.06
C ARG A 38 34.97 1.43 -3.47
N GLU A 39 34.05 0.98 -2.61
CA GLU A 39 34.09 -0.39 -2.15
C GLU A 39 33.78 -1.36 -3.28
N PHE A 40 32.84 -1.01 -4.15
CA PHE A 40 32.45 -1.87 -5.26
C PHE A 40 33.37 -1.75 -6.45
N GLY A 41 34.32 -0.81 -6.42
CA GLY A 41 35.19 -0.59 -7.56
C GLY A 41 34.47 -0.09 -8.79
N VAL A 42 33.32 0.53 -8.62
CA VAL A 42 32.51 1.03 -9.73
C VAL A 42 32.48 2.55 -9.66
N SER A 43 32.09 3.17 -10.77
CA SER A 43 31.88 4.61 -10.79
C SER A 43 30.58 4.96 -10.07
N ARG A 44 30.14 6.21 -10.20
CA ARG A 44 29.00 6.71 -9.44
C ARG A 44 27.69 6.52 -10.19
N SER A 45 27.71 6.69 -11.52
CA SER A 45 26.48 6.59 -12.31
C SER A 45 25.76 5.26 -12.12
N PRO A 46 26.42 4.09 -12.15
CA PRO A 46 25.67 2.86 -11.86
C PRO A 46 25.12 2.80 -10.45
N LEU A 47 25.97 3.05 -9.44
CA LEU A 47 25.55 2.96 -8.04
C LEU A 47 24.31 3.81 -7.78
N ARG A 48 24.32 5.06 -8.25
CA ARG A 48 23.15 5.91 -8.07
C ARG A 48 21.91 5.27 -8.67
N LYS A 49 22.04 4.72 -9.89
CA LYS A 49 20.95 3.95 -10.47
C LYS A 49 20.43 2.91 -9.49
N ALA A 50 21.35 2.11 -8.93
CA ALA A 50 20.98 1.15 -7.90
C ALA A 50 20.17 1.84 -6.80
N ILE A 51 20.72 2.92 -6.24
CA ILE A 51 19.99 3.65 -5.20
C ILE A 51 18.64 4.08 -5.73
N ALA A 52 18.62 4.62 -6.95
CA ALA A 52 17.35 5.00 -7.58
C ALA A 52 16.41 3.82 -7.62
N THR A 53 16.90 2.66 -8.04
CA THR A 53 16.08 1.45 -8.05
C THR A 53 15.56 1.16 -6.65
N LEU A 54 16.41 1.27 -5.64
CA LEU A 54 15.95 1.01 -4.29
C LEU A 54 15.02 2.09 -3.78
N THR A 55 15.02 3.27 -4.41
CA THR A 55 13.99 4.25 -4.11
C THR A 55 12.68 3.91 -4.82
N ALA A 56 12.78 3.33 -6.02
CA ALA A 56 11.57 2.92 -6.72
C ALA A 56 10.87 1.77 -6.04
N GLN A 57 11.58 0.99 -5.23
CA GLN A 57 11.03 -0.15 -4.52
C GLN A 57 10.68 0.18 -3.07
N GLY A 58 10.81 1.44 -2.66
CA GLY A 58 10.52 1.84 -1.30
C GLY A 58 11.55 1.44 -0.27
N ILE A 59 12.69 0.89 -0.70
CA ILE A 59 13.71 0.49 0.27
C ILE A 59 14.53 1.70 0.71
N VAL A 60 14.74 2.65 -0.19
CA VAL A 60 15.48 3.88 0.09
C VAL A 60 14.58 5.06 -0.22
N SER A 61 14.69 6.12 0.58
CA SER A 61 13.91 7.33 0.39
C SER A 61 14.85 8.51 0.17
N TYR A 62 14.46 9.40 -0.73
CA TYR A 62 15.16 10.67 -0.95
C TYR A 62 14.49 11.72 -0.06
N HIS A 63 15.03 11.90 1.14
CA HIS A 63 14.48 12.90 2.03
C HIS A 63 14.78 14.31 1.51
N GLU A 64 14.17 15.30 2.16
CA GLU A 64 14.41 16.69 1.78
C GLU A 64 15.86 17.08 1.96
N ASN A 65 16.53 16.53 2.97
CA ASN A 65 17.97 16.68 3.07
C ASN A 65 18.65 15.96 1.90
N SER A 66 19.75 16.53 1.43
CA SER A 66 20.38 16.01 0.23
C SER A 66 20.98 14.63 0.49
N GLY A 67 20.75 13.72 -0.44
CA GLY A 67 21.22 12.35 -0.38
C GLY A 67 20.09 11.36 -0.27
N ALA A 68 20.44 10.12 0.09
CA ALA A 68 19.50 9.03 0.23
C ALA A 68 19.57 8.40 1.62
N VAL A 69 18.41 8.14 2.22
CA VAL A 69 18.33 7.50 3.53
C VAL A 69 17.64 6.15 3.37
N LEU A 70 18.08 5.19 4.18
CA LEU A 70 17.56 3.82 4.10
C LEU A 70 16.41 3.64 5.09
N ASN A 71 15.35 3.00 4.62
CA ASN A 71 14.15 2.84 5.43
C ASN A 71 14.26 1.59 6.29
N ASP A 72 13.41 1.52 7.31
CA ASP A 72 13.34 0.36 8.18
C ASP A 72 12.59 -0.73 7.45
N CYS A 73 13.32 -1.63 6.78
CA CYS A 73 12.70 -2.62 5.91
C CYS A 73 12.75 -4.04 6.46
N ILE A 74 13.58 -4.32 7.46
CA ILE A 74 13.69 -5.67 7.98
C ILE A 74 12.43 -6.03 8.75
N VAL A 75 11.90 -7.22 8.50
CA VAL A 75 10.62 -7.64 9.08
C VAL A 75 10.90 -8.87 9.94
N ASP A 76 10.70 -8.71 11.25
CA ASP A 76 10.76 -9.82 12.20
C ASP A 76 9.39 -10.49 12.25
N ALA A 77 9.20 -11.39 13.22
CA ALA A 77 7.96 -12.15 13.29
C ALA A 77 6.76 -11.24 13.49
N ASP A 78 6.88 -10.25 14.37
CA ASP A 78 5.75 -9.36 14.65
C ASP A 78 5.35 -8.55 13.42
N ARG A 79 6.34 -8.02 12.71
CA ARG A 79 6.03 -7.27 11.49
C ARG A 79 5.48 -8.19 10.41
N TYR A 80 5.99 -9.42 10.34
CA TYR A 80 5.41 -10.40 9.42
C TYR A 80 3.93 -10.60 9.72
N VAL A 81 3.58 -10.72 11.01
CA VAL A 81 2.20 -10.92 11.39
C VAL A 81 1.36 -9.68 11.08
N GLN A 82 1.95 -8.49 11.22
CA GLN A 82 1.23 -7.26 10.87
C GLN A 82 0.90 -7.24 9.38
N LEU A 83 1.89 -7.54 8.53
CA LEU A 83 1.66 -7.64 7.10
C LEU A 83 0.61 -8.70 6.78
N MET A 84 0.66 -9.84 7.47
CA MET A 84 -0.31 -10.90 7.17
C MET A 84 -1.72 -10.51 7.61
N GLU A 85 -1.83 -9.75 8.70
CA GLU A 85 -3.15 -9.23 9.08
C GLU A 85 -3.70 -8.29 8.01
N THR A 86 -2.85 -7.44 7.46
CA THR A 86 -3.28 -6.59 6.34
C THR A 86 -3.74 -7.45 5.15
N ILE A 87 -2.93 -8.44 4.79
CA ILE A 87 -3.27 -9.31 3.66
C ILE A 87 -4.63 -9.97 3.90
N GLU A 88 -4.85 -10.48 5.10
CA GLU A 88 -6.07 -11.24 5.35
C GLU A 88 -7.28 -10.33 5.44
N ILE A 89 -7.10 -9.08 5.91
CA ILE A 89 -8.19 -8.11 5.83
C ILE A 89 -8.60 -7.92 4.37
N PHE A 90 -7.62 -7.76 3.49
CA PHE A 90 -7.92 -7.61 2.07
C PHE A 90 -8.64 -8.84 1.51
N VAL A 91 -8.16 -10.03 1.86
CA VAL A 91 -8.73 -11.28 1.32
C VAL A 91 -10.17 -11.45 1.78
N ASP A 92 -10.41 -11.30 3.08
CA ASP A 92 -11.76 -11.49 3.61
C ASP A 92 -12.72 -10.48 3.02
N ALA A 93 -12.30 -9.21 2.93
CA ALA A 93 -13.19 -8.21 2.34
C ALA A 93 -13.44 -8.50 0.87
N ALA A 94 -12.43 -9.01 0.15
CA ALA A 94 -12.63 -9.37 -1.25
C ALA A 94 -13.70 -10.43 -1.39
N ILE A 95 -13.60 -11.49 -0.59
CA ILE A 95 -14.58 -12.56 -0.70
C ILE A 95 -15.97 -12.06 -0.30
N ALA A 96 -16.04 -11.25 0.74
CA ALA A 96 -17.34 -10.74 1.19
C ALA A 96 -17.98 -9.87 0.12
N LYS A 97 -17.20 -8.96 -0.47
CA LYS A 97 -17.73 -8.08 -1.51
C LYS A 97 -18.18 -8.87 -2.72
N ALA A 98 -17.38 -9.84 -3.16
CA ALA A 98 -17.77 -10.65 -4.31
C ALA A 98 -19.06 -11.40 -4.04
N ALA A 99 -19.19 -11.98 -2.84
CA ALA A 99 -20.41 -12.71 -2.53
C ALA A 99 -21.61 -11.77 -2.41
N HIS A 100 -21.40 -10.55 -1.91
CA HIS A 100 -22.52 -9.65 -1.68
C HIS A 100 -23.03 -9.07 -2.98
N PHE A 101 -22.14 -8.70 -3.90
CA PHE A 101 -22.58 -8.11 -5.16
C PHE A 101 -22.77 -9.14 -6.26
N GLY A 102 -22.57 -10.43 -5.98
CA GLY A 102 -22.84 -11.46 -6.95
C GLY A 102 -21.95 -11.44 -8.19
N TYR A 103 -20.69 -11.05 -8.04
CA TYR A 103 -19.76 -11.15 -9.14
C TYR A 103 -19.49 -12.62 -9.46
N GLU A 104 -18.93 -12.86 -10.64
CA GLU A 104 -18.42 -14.19 -10.95
C GLU A 104 -16.93 -14.17 -10.71
N MET A 105 -16.50 -14.92 -9.70
CA MET A 105 -15.08 -15.02 -9.39
C MET A 105 -14.39 -15.91 -10.41
N ASP A 106 -13.25 -15.45 -10.93
CA ASP A 106 -12.48 -16.25 -11.87
C ASP A 106 -11.89 -17.43 -11.12
N LEU A 107 -12.75 -18.43 -10.85
CA LEU A 107 -12.35 -19.59 -10.09
C LEU A 107 -11.47 -20.55 -10.87
N GLU A 108 -11.48 -20.48 -12.21
CA GLU A 108 -10.58 -21.31 -12.98
C GLU A 108 -9.15 -20.82 -12.86
N LYS A 109 -8.96 -19.49 -12.86
CA LYS A 109 -7.63 -18.95 -12.57
C LYS A 109 -7.20 -19.35 -11.17
N LEU A 110 -8.12 -19.31 -10.22
CA LEU A 110 -7.78 -19.69 -8.84
C LEU A 110 -7.37 -21.15 -8.77
N TYR A 111 -8.09 -22.02 -9.48
CA TYR A 111 -7.74 -23.43 -9.55
C TYR A 111 -6.35 -23.61 -10.17
N ALA A 112 -6.06 -22.88 -11.23
CA ALA A 112 -4.74 -22.97 -11.86
C ALA A 112 -3.64 -22.53 -10.90
N ARG A 113 -3.87 -21.47 -10.13
CA ARG A 113 -2.86 -21.00 -9.18
C ARG A 113 -2.64 -22.00 -8.06
N MET A 114 -3.72 -22.57 -7.52
CA MET A 114 -3.59 -23.62 -6.52
C MET A 114 -2.82 -24.81 -7.08
N GLN A 115 -3.08 -25.17 -8.35
CA GLN A 115 -2.37 -26.30 -8.93
C GLN A 115 -0.90 -25.99 -9.14
N GLU A 116 -0.57 -24.73 -9.43
CA GLU A 116 0.85 -24.36 -9.53
C GLU A 116 1.53 -24.47 -8.17
N MET A 117 0.81 -24.12 -7.11
CA MET A 117 1.31 -24.42 -5.76
C MET A 117 1.62 -25.90 -5.62
N GLU A 118 0.65 -26.75 -5.97
CA GLU A 118 0.85 -28.20 -5.88
C GLU A 118 2.10 -28.63 -6.66
N ARG A 119 2.25 -28.11 -7.88
CA ARG A 119 3.36 -28.52 -8.74
C ARG A 119 4.70 -28.10 -8.16
N PHE A 120 4.82 -26.85 -7.71
CA PHE A 120 6.09 -26.38 -7.18
C PHE A 120 6.42 -27.04 -5.85
N SER A 121 5.39 -27.41 -5.07
CA SER A 121 5.65 -28.19 -3.87
C SER A 121 6.15 -29.58 -4.23
N TYR A 122 5.62 -30.17 -5.30
CA TYR A 122 6.09 -31.48 -5.72
C TYR A 122 7.54 -31.43 -6.19
N LEU A 123 7.93 -30.35 -6.86
CA LEU A 123 9.29 -30.20 -7.35
C LEU A 123 10.27 -29.72 -6.29
N THR A 124 9.79 -29.36 -5.11
CA THR A 124 10.62 -28.80 -4.03
C THR A 124 11.33 -27.54 -4.53
N ASP A 125 10.55 -26.67 -5.17
CA ASP A 125 11.02 -25.38 -5.67
C ASP A 125 10.46 -24.33 -4.71
N LEU A 126 11.29 -23.93 -3.74
CA LEU A 126 10.78 -23.15 -2.63
C LEU A 126 10.40 -21.74 -3.06
N GLU A 127 11.26 -21.09 -3.85
CA GLU A 127 10.97 -19.73 -4.30
C GLU A 127 9.70 -19.69 -5.15
N ASN A 128 9.59 -20.62 -6.09
CA ASN A 128 8.40 -20.66 -6.94
C ASN A 128 7.17 -21.06 -6.14
N TYR A 129 7.32 -21.90 -5.12
CA TYR A 129 6.18 -22.23 -4.27
C TYR A 129 5.70 -21.00 -3.50
N PHE A 130 6.65 -20.23 -2.95
CA PHE A 130 6.30 -18.98 -2.27
C PHE A 130 5.55 -18.04 -3.22
N ASP A 131 6.10 -17.85 -4.42
CA ASP A 131 5.45 -16.99 -5.40
C ASP A 131 4.07 -17.50 -5.77
N ALA A 132 3.90 -18.81 -5.91
CA ALA A 132 2.61 -19.37 -6.30
C ALA A 132 1.58 -19.21 -5.19
N HIS A 133 2.00 -19.41 -3.94
CA HIS A 133 1.13 -19.12 -2.80
C HIS A 133 0.69 -17.67 -2.80
N HIS A 134 1.64 -16.76 -3.06
CA HIS A 134 1.31 -15.34 -3.11
C HIS A 134 0.33 -15.05 -4.23
N ARG A 135 0.50 -15.69 -5.39
CA ARG A 135 -0.38 -15.44 -6.52
C ARG A 135 -1.78 -16.01 -6.29
N PHE A 136 -1.88 -17.14 -5.57
CA PHE A 136 -3.19 -17.64 -5.16
C PHE A 136 -3.91 -16.62 -4.29
N ILE A 137 -3.19 -16.08 -3.29
CA ILE A 137 -3.78 -15.06 -2.43
C ILE A 137 -4.18 -13.83 -3.25
N LEU A 138 -3.34 -13.45 -4.23
CA LEU A 138 -3.63 -12.29 -5.05
C LEU A 138 -4.85 -12.50 -5.91
N CYS A 139 -5.07 -13.72 -6.39
CA CYS A 139 -6.28 -14.03 -7.14
C CYS A 139 -7.52 -13.88 -6.26
N LEU A 140 -7.44 -14.42 -5.05
CA LEU A 140 -8.52 -14.21 -4.08
C LEU A 140 -8.81 -12.72 -3.89
N ILE A 141 -7.75 -11.91 -3.78
CA ILE A 141 -7.95 -10.47 -3.54
C ILE A 141 -8.52 -9.80 -4.77
N SER A 142 -8.08 -10.22 -5.96
CA SER A 142 -8.60 -9.66 -7.20
C SER A 142 -10.07 -9.95 -7.36
N PHE A 143 -10.59 -10.96 -6.66
CA PHE A 143 -12.05 -11.14 -6.65
C PHE A 143 -12.78 -9.88 -6.17
N ALA A 144 -12.10 -8.96 -5.50
CA ALA A 144 -12.72 -7.70 -5.08
C ALA A 144 -12.91 -6.72 -6.22
N GLU A 145 -12.31 -6.97 -7.37
CA GLU A 145 -12.37 -6.06 -8.51
C GLU A 145 -11.82 -4.69 -8.11
N ASN A 146 -10.65 -4.71 -7.47
CA ASN A 146 -9.99 -3.50 -6.97
C ASN A 146 -8.50 -3.63 -7.21
N PRO A 147 -8.01 -3.14 -8.36
CA PRO A 147 -6.58 -3.28 -8.68
C PRO A 147 -5.64 -2.60 -7.69
N TYR A 148 -6.07 -1.51 -7.05
CA TYR A 148 -5.24 -0.85 -6.05
C TYR A 148 -4.84 -1.81 -4.94
N GLN A 149 -5.79 -2.61 -4.46
CA GLN A 149 -5.50 -3.56 -3.40
C GLN A 149 -4.53 -4.62 -3.88
N VAL A 150 -4.67 -5.05 -5.13
CA VAL A 150 -3.74 -6.02 -5.68
C VAL A 150 -2.32 -5.45 -5.67
N ARG A 151 -2.17 -4.18 -6.08
CA ARG A 151 -0.84 -3.57 -6.08
C ARG A 151 -0.29 -3.43 -4.66
N ILE A 152 -1.14 -3.05 -3.72
CA ILE A 152 -0.69 -2.92 -2.34
C ILE A 152 -0.17 -4.26 -1.82
N VAL A 153 -0.94 -5.33 -2.02
CA VAL A 153 -0.53 -6.62 -1.52
C VAL A 153 0.67 -7.15 -2.30
N LYS A 154 0.83 -6.74 -3.56
CA LYS A 154 2.05 -7.07 -4.30
C LYS A 154 3.26 -6.45 -3.63
N GLN A 155 3.15 -5.19 -3.20
CA GLN A 155 4.26 -4.56 -2.47
C GLN A 155 4.53 -5.28 -1.16
N ILE A 156 3.47 -5.69 -0.47
CA ILE A 156 3.65 -6.44 0.77
C ILE A 156 4.42 -7.73 0.50
N PHE A 157 4.02 -8.46 -0.53
CA PHE A 157 4.68 -9.72 -0.87
C PHE A 157 6.14 -9.50 -1.26
N PHE A 158 6.42 -8.42 -2.01
CA PHE A 158 7.80 -8.09 -2.34
C PHE A 158 8.63 -7.90 -1.08
N GLN A 159 8.12 -7.11 -0.14
CA GLN A 159 8.85 -6.88 1.11
C GLN A 159 9.05 -8.18 1.87
N MET A 160 8.03 -9.04 1.86
CA MET A 160 8.14 -10.34 2.53
C MET A 160 9.23 -11.19 1.89
N VAL A 161 9.22 -11.30 0.57
CA VAL A 161 10.20 -12.12 -0.14
C VAL A 161 11.60 -11.62 0.14
N HIS A 162 11.81 -10.31 0.15
CA HIS A 162 13.18 -9.79 0.23
C HIS A 162 13.66 -9.51 1.65
N PHE A 163 12.77 -9.41 2.64
CA PHE A 163 13.18 -9.03 3.98
C PHE A 163 12.63 -9.91 5.09
N SER A 164 12.08 -11.09 4.77
CA SER A 164 11.58 -12.00 5.78
C SER A 164 12.18 -13.38 5.60
N ASP A 165 12.12 -14.17 6.67
CA ASP A 165 12.44 -15.58 6.62
C ASP A 165 11.18 -16.45 6.52
N GLY A 166 10.05 -15.84 6.16
CA GLY A 166 8.79 -16.56 6.10
C GLY A 166 8.78 -17.71 5.12
N ILE A 167 9.69 -17.70 4.14
CA ILE A 167 9.76 -18.81 3.19
C ILE A 167 10.29 -20.06 3.87
N ASN A 168 11.11 -19.91 4.91
CA ASN A 168 11.65 -21.07 5.63
C ASN A 168 10.53 -21.92 6.20
N MET A 169 9.40 -21.30 6.54
CA MET A 169 8.22 -22.02 7.00
C MET A 169 7.82 -23.12 6.04
N PHE A 170 7.94 -22.85 4.74
CA PHE A 170 7.55 -23.80 3.70
C PHE A 170 8.67 -24.78 3.34
N LYS A 171 9.78 -24.78 4.09
CA LYS A 171 10.73 -25.87 3.99
C LYS A 171 10.15 -27.17 4.51
N SER A 172 9.12 -27.08 5.34
CA SER A 172 8.42 -28.27 5.83
C SER A 172 7.45 -28.75 4.77
N VAL A 173 7.64 -29.99 4.30
CA VAL A 173 6.72 -30.57 3.33
C VAL A 173 5.32 -30.64 3.91
N GLU A 174 5.20 -30.90 5.21
CA GLU A 174 3.89 -30.98 5.84
C GLU A 174 3.18 -29.63 5.78
N ILE A 175 3.90 -28.55 6.06
CA ILE A 175 3.29 -27.22 6.01
C ILE A 175 2.86 -26.89 4.59
N ARG A 176 3.69 -27.23 3.61
CA ARG A 176 3.34 -26.98 2.21
C ARG A 176 2.08 -27.75 1.82
N GLU A 177 1.99 -29.02 2.20
CA GLU A 177 0.84 -29.81 1.84
C GLU A 177 -0.42 -29.33 2.56
N TRP A 178 -0.28 -28.91 3.81
CA TRP A 178 -1.43 -28.37 4.53
C TRP A 178 -1.92 -27.08 3.87
N THR A 179 -1.00 -26.21 3.47
CA THR A 179 -1.39 -24.98 2.79
C THR A 179 -2.04 -25.27 1.45
N ASN A 180 -1.53 -26.26 0.71
CA ASN A 180 -2.14 -26.62 -0.56
C ASN A 180 -3.55 -27.16 -0.35
N LYS A 181 -3.73 -28.04 0.64
CA LYS A 181 -5.06 -28.57 0.91
C LYS A 181 -6.03 -27.47 1.32
N LYS A 182 -5.55 -26.52 2.13
CA LYS A 182 -6.42 -25.41 2.52
C LYS A 182 -6.80 -24.56 1.33
N SER A 183 -5.84 -24.30 0.43
CA SER A 183 -6.14 -23.53 -0.77
C SER A 183 -7.17 -24.23 -1.64
N ASN A 184 -7.02 -25.54 -1.81
CA ASN A 184 -7.99 -26.29 -2.59
C ASN A 184 -9.35 -26.29 -1.93
N GLN A 185 -9.40 -26.40 -0.60
CA GLN A 185 -10.67 -26.34 0.10
C GLN A 185 -11.33 -24.98 -0.08
N ILE A 186 -10.54 -23.91 -0.04
CA ILE A 186 -11.10 -22.58 -0.29
C ILE A 186 -11.70 -22.51 -1.69
N TYR A 187 -10.95 -23.01 -2.68
CA TYR A 187 -11.46 -23.04 -4.05
C TYR A 187 -12.78 -23.80 -4.12
N GLU A 188 -12.84 -24.98 -3.51
CA GLU A 188 -14.04 -25.80 -3.62
C GLU A 188 -15.22 -25.16 -2.92
N LEU A 189 -14.99 -24.59 -1.73
CA LEU A 189 -16.08 -23.91 -1.03
C LEU A 189 -16.59 -22.73 -1.83
N LEU A 190 -15.68 -21.97 -2.47
CA LEU A 190 -16.12 -20.87 -3.32
C LEU A 190 -16.93 -21.39 -4.50
N ALA A 191 -16.48 -22.50 -5.10
CA ALA A 191 -17.18 -23.07 -6.25
C ALA A 191 -18.54 -23.62 -5.86
N GLU A 192 -18.68 -24.12 -4.63
CA GLU A 192 -19.96 -24.63 -4.14
C GLU A 192 -20.85 -23.54 -3.56
N GLY A 193 -20.34 -22.33 -3.38
CA GLY A 193 -21.16 -21.25 -2.85
C GLY A 193 -21.19 -21.17 -1.34
N LYS A 194 -20.38 -21.95 -0.64
CA LYS A 194 -20.31 -21.90 0.82
C LYS A 194 -19.35 -20.79 1.21
N ILE A 195 -19.88 -19.56 1.23
CA ILE A 195 -19.03 -18.38 1.38
C ILE A 195 -18.50 -18.27 2.79
N GLU A 196 -19.37 -18.48 3.79
CA GLU A 196 -18.92 -18.39 5.18
C GLU A 196 -17.89 -19.46 5.49
N LEU A 197 -18.07 -20.67 4.96
CA LEU A 197 -17.08 -21.72 5.16
C LEU A 197 -15.76 -21.35 4.50
N ALA A 198 -15.81 -20.77 3.30
CA ALA A 198 -14.58 -20.32 2.65
C ALA A 198 -13.89 -19.26 3.49
N ARG A 199 -14.66 -18.33 4.07
CA ARG A 199 -14.05 -17.26 4.87
C ARG A 199 -13.43 -17.81 6.16
N LYS A 200 -14.09 -18.78 6.79
CA LYS A 200 -13.51 -19.38 7.99
C LYS A 200 -12.29 -20.23 7.65
N THR A 201 -12.27 -20.84 6.46
CA THR A 201 -11.07 -21.57 6.03
C THR A 201 -9.92 -20.60 5.77
N ILE A 202 -10.21 -19.46 5.14
CA ILE A 202 -9.18 -18.44 4.95
C ILE A 202 -8.62 -18.00 6.29
N LYS A 203 -9.51 -17.74 7.26
CA LYS A 203 -9.06 -17.31 8.58
C LYS A 203 -8.20 -18.39 9.23
N SER A 204 -8.61 -19.66 9.12
CA SER A 204 -7.82 -20.74 9.71
C SER A 204 -6.46 -20.86 9.07
N MET A 205 -6.40 -20.75 7.74
CA MET A 205 -5.11 -20.78 7.04
C MET A 205 -4.19 -19.68 7.55
N PHE A 206 -4.69 -18.45 7.64
CA PHE A 206 -3.86 -17.35 8.10
C PHE A 206 -3.46 -17.52 9.57
N ALA A 207 -4.36 -18.05 10.40
CA ALA A 207 -4.02 -18.27 11.80
C ALA A 207 -2.93 -19.31 11.95
N GLU A 208 -3.00 -20.40 11.18
CA GLU A 208 -1.97 -21.41 11.29
C GLU A 208 -0.64 -20.90 10.77
N LEU A 209 -0.66 -20.14 9.67
CA LEU A 209 0.62 -19.61 9.17
C LEU A 209 1.18 -18.54 10.09
N THR A 210 0.30 -17.84 10.83
CA THR A 210 0.77 -16.91 11.84
C THR A 210 1.44 -17.64 12.99
N ILE A 211 0.82 -18.73 13.45
CA ILE A 211 1.45 -19.57 14.48
C ILE A 211 2.81 -20.04 14.01
N GLN A 212 2.90 -20.50 12.76
CA GLN A 212 4.17 -20.99 12.24
C GLN A 212 5.21 -19.90 12.10
N ALA A 213 4.79 -18.66 11.83
CA ALA A 213 5.74 -17.56 11.76
C ALA A 213 6.47 -17.36 13.09
N TYR A 214 5.77 -17.51 14.21
CA TYR A 214 6.40 -17.35 15.51
C TYR A 214 7.23 -18.57 15.91
N ARG A 215 6.87 -19.76 15.43
CA ARG A 215 7.64 -20.95 15.73
C ARG A 215 8.99 -20.98 15.05
N LEU A 216 9.15 -20.26 13.94
CA LEU A 216 10.45 -20.16 13.27
C LEU A 216 11.50 -19.57 14.21
N GLU A 217 12.48 -20.38 14.58
CA GLU A 217 13.55 -19.95 15.49
C GLU A 217 14.80 -19.52 14.71
N ASN B 3 5.59 26.84 -6.35
CA ASN B 3 5.29 28.26 -6.16
C ASN B 3 6.26 28.95 -5.22
N LYS B 4 6.75 28.22 -4.22
CA LYS B 4 7.64 28.76 -3.21
C LYS B 4 8.54 27.62 -2.73
N PHE B 5 9.43 27.18 -3.61
CA PHE B 5 10.28 26.02 -3.36
C PHE B 5 11.52 26.38 -2.56
N LYS B 6 12.02 25.39 -1.82
CA LYS B 6 13.24 25.52 -1.05
C LYS B 6 14.38 24.64 -1.54
N THR B 7 14.09 23.61 -2.32
CA THR B 7 15.13 22.74 -2.88
C THR B 7 14.87 22.54 -4.37
N LEU B 8 15.94 22.23 -5.11
CA LEU B 8 15.79 21.99 -6.53
C LEU B 8 15.10 20.67 -6.81
N ASP B 9 15.31 19.67 -5.95
CA ASP B 9 14.68 18.37 -6.16
C ASP B 9 13.17 18.49 -6.11
N LYS B 10 12.63 18.96 -4.97
CA LYS B 10 11.18 18.99 -4.82
C LYS B 10 10.52 19.80 -5.93
N MET B 11 11.06 20.98 -6.25
CA MET B 11 10.61 21.74 -7.40
C MET B 11 10.41 20.84 -8.60
N VAL B 12 11.49 20.19 -9.03
CA VAL B 12 11.42 19.35 -10.22
C VAL B 12 10.32 18.31 -10.05
N TYR B 13 10.34 17.62 -8.90
CA TYR B 13 9.28 16.69 -8.57
C TYR B 13 7.92 17.33 -8.82
N ASN B 14 7.65 18.43 -8.11
CA ASN B 14 6.37 19.11 -8.25
C ASN B 14 6.09 19.43 -9.71
N LEU B 15 7.09 19.98 -10.41
CA LEU B 15 6.92 20.29 -11.82
C LEU B 15 6.44 19.06 -12.58
N LEU B 16 7.19 17.96 -12.45
CA LEU B 16 6.78 16.73 -13.12
C LEU B 16 5.38 16.32 -12.70
N LEU B 17 5.09 16.43 -11.40
CA LEU B 17 3.78 16.02 -10.91
C LEU B 17 2.68 16.82 -11.57
N GLU B 18 2.94 18.12 -11.81
CA GLU B 18 1.88 18.93 -12.40
C GLU B 18 1.69 18.55 -13.86
N LYS B 19 2.77 18.12 -14.53
CA LYS B 19 2.64 17.58 -15.88
C LYS B 19 1.78 16.33 -15.90
N ILE B 20 1.73 15.62 -14.78
CA ILE B 20 0.87 14.44 -14.71
C ILE B 20 -0.57 14.86 -14.46
N LYS B 21 -0.78 15.96 -13.75
CA LYS B 21 -2.13 16.32 -13.35
C LYS B 21 -2.85 17.15 -14.41
N ASN B 22 -2.18 18.15 -14.99
CA ASN B 22 -2.80 18.96 -16.04
C ASN B 22 -2.98 18.19 -17.35
N GLY B 23 -2.33 17.04 -17.49
CA GLY B 23 -2.50 16.20 -18.66
C GLY B 23 -1.48 16.37 -19.76
N GLU B 24 -0.38 17.08 -19.51
CA GLU B 24 0.65 17.21 -20.53
C GLU B 24 1.39 15.89 -20.75
N LEU B 25 1.33 14.97 -19.79
CA LEU B 25 1.80 13.61 -19.97
C LEU B 25 0.62 12.68 -19.75
N VAL B 26 0.26 11.94 -20.79
CA VAL B 26 -0.93 11.09 -20.80
C VAL B 26 -0.51 9.72 -20.26
N PRO B 27 -1.40 8.96 -19.62
CA PRO B 27 -1.03 7.60 -19.19
C PRO B 27 -0.47 6.77 -20.33
N ASN B 28 0.35 5.79 -19.95
CA ASN B 28 1.05 4.85 -20.83
C ASN B 28 2.09 5.53 -21.73
N GLU B 29 2.41 6.79 -21.49
CA GLU B 29 3.45 7.47 -22.23
C GLU B 29 4.81 7.23 -21.58
N HIS B 30 5.82 6.99 -22.41
CA HIS B 30 7.18 6.81 -21.93
C HIS B 30 7.76 8.19 -21.60
N LEU B 31 8.23 8.36 -20.36
CA LEU B 31 8.79 9.64 -19.94
C LEU B 31 10.09 9.89 -20.67
N ALA B 32 10.16 11.01 -21.39
CA ALA B 32 11.38 11.42 -22.08
C ALA B 32 12.26 12.16 -21.08
N GLU B 33 13.05 11.38 -20.32
CA GLU B 33 13.86 11.95 -19.26
C GLU B 33 14.83 13.00 -19.77
N GLU B 34 15.33 12.82 -21.00
CA GLU B 34 16.28 13.77 -21.56
C GLU B 34 15.59 15.06 -21.96
N LYS B 35 14.42 14.95 -22.59
CA LYS B 35 13.65 16.14 -22.95
C LYS B 35 13.10 16.85 -21.72
N LEU B 36 12.75 16.09 -20.68
CA LEU B 36 12.20 16.69 -19.47
C LEU B 36 13.26 17.49 -18.72
N ALA B 37 14.48 16.96 -18.62
CA ALA B 37 15.54 17.70 -17.95
C ALA B 37 15.88 18.97 -18.70
N ARG B 38 15.81 18.95 -20.03
CA ARG B 38 16.06 20.15 -20.82
C ARG B 38 14.98 21.19 -20.57
N GLU B 39 13.73 20.76 -20.42
CA GLU B 39 12.63 21.70 -20.25
C GLU B 39 12.71 22.44 -18.92
N PHE B 40 13.10 21.73 -17.85
CA PHE B 40 13.20 22.33 -16.53
C PHE B 40 14.52 23.06 -16.31
N GLY B 41 15.46 22.97 -17.25
CA GLY B 41 16.76 23.57 -17.03
C GLY B 41 17.56 22.93 -15.93
N VAL B 42 17.29 21.66 -15.64
CA VAL B 42 17.93 20.95 -14.55
C VAL B 42 18.83 19.85 -15.08
N SER B 43 19.74 19.41 -14.21
CA SER B 43 20.54 18.22 -14.48
C SER B 43 19.66 16.99 -14.28
N ARG B 44 20.22 15.81 -14.58
CA ARG B 44 19.42 14.61 -14.47
C ARG B 44 19.38 14.05 -13.05
N SER B 45 20.29 14.47 -12.17
CA SER B 45 20.27 13.97 -10.80
C SER B 45 18.96 14.29 -10.07
N PRO B 46 18.41 15.51 -10.11
CA PRO B 46 17.11 15.73 -9.48
C PRO B 46 15.99 14.97 -10.18
N LEU B 47 15.89 15.13 -11.49
CA LEU B 47 14.83 14.51 -12.28
C LEU B 47 14.74 13.02 -12.01
N ARG B 48 15.84 12.30 -12.22
CA ARG B 48 15.91 10.88 -11.89
C ARG B 48 15.31 10.62 -10.51
N LYS B 49 15.80 11.34 -9.51
CA LYS B 49 15.30 11.19 -8.14
C LYS B 49 13.78 11.30 -8.11
N ALA B 50 13.25 12.38 -8.69
CA ALA B 50 11.81 12.56 -8.78
C ALA B 50 11.13 11.32 -9.32
N ILE B 51 11.60 10.83 -10.48
CA ILE B 51 11.00 9.66 -11.10
C ILE B 51 11.01 8.48 -10.13
N ALA B 52 12.15 8.25 -9.47
CA ALA B 52 12.22 7.18 -8.50
C ALA B 52 11.13 7.32 -7.44
N THR B 53 10.99 8.54 -6.90
CA THR B 53 9.95 8.77 -5.92
C THR B 53 8.57 8.45 -6.49
N LEU B 54 8.30 8.90 -7.72
CA LEU B 54 6.99 8.61 -8.30
C LEU B 54 6.84 7.15 -8.70
N THR B 55 7.94 6.40 -8.79
CA THR B 55 7.79 4.95 -8.93
C THR B 55 7.47 4.32 -7.59
N ALA B 56 7.97 4.90 -6.50
CA ALA B 56 7.63 4.39 -5.17
C ALA B 56 6.17 4.63 -4.81
N GLN B 57 5.53 5.60 -5.45
CA GLN B 57 4.13 5.93 -5.19
C GLN B 57 3.18 5.27 -6.18
N GLY B 58 3.69 4.43 -7.07
CA GLY B 58 2.85 3.76 -8.04
C GLY B 58 2.36 4.65 -9.16
N ILE B 59 2.83 5.90 -9.23
CA ILE B 59 2.39 6.80 -10.28
C ILE B 59 3.12 6.51 -11.59
N VAL B 60 4.37 6.09 -11.51
CA VAL B 60 5.16 5.75 -12.68
C VAL B 60 5.61 4.30 -12.55
N SER B 61 5.61 3.58 -13.67
CA SER B 61 6.06 2.20 -13.73
C SER B 61 7.22 2.13 -14.71
N TYR B 62 8.36 1.61 -14.25
CA TYR B 62 9.49 1.38 -15.12
C TYR B 62 9.45 -0.06 -15.64
N HIS B 63 9.67 -0.22 -16.93
CA HIS B 63 9.70 -1.53 -17.57
C HIS B 63 11.11 -1.81 -18.07
N GLU B 64 11.53 -3.07 -17.95
CA GLU B 64 12.86 -3.46 -18.44
C GLU B 64 12.98 -3.28 -19.94
N ASN B 65 11.86 -3.20 -20.67
CA ASN B 65 11.86 -3.21 -22.12
C ASN B 65 11.65 -1.83 -22.74
N SER B 66 11.39 -0.79 -21.96
CA SER B 66 11.04 0.50 -22.55
C SER B 66 11.71 1.67 -21.85
N GLY B 67 11.70 1.66 -20.52
CA GLY B 67 12.01 2.84 -19.73
C GLY B 67 10.94 3.05 -18.69
N ALA B 68 10.81 4.28 -18.22
CA ALA B 68 9.77 4.62 -17.25
C ALA B 68 8.49 4.99 -17.99
N VAL B 69 7.39 4.38 -17.58
CA VAL B 69 6.08 4.62 -18.18
C VAL B 69 5.15 5.17 -17.11
N LEU B 70 4.24 6.05 -17.52
CA LEU B 70 3.34 6.70 -16.60
C LEU B 70 2.02 5.93 -16.57
N ASN B 71 1.51 5.69 -15.36
CA ASN B 71 0.34 4.86 -15.15
C ASN B 71 -0.94 5.70 -15.26
N ASP B 72 -2.07 5.01 -15.36
CA ASP B 72 -3.39 5.64 -15.38
C ASP B 72 -3.72 6.06 -13.95
N CYS B 73 -3.49 7.33 -13.63
CA CYS B 73 -3.57 7.82 -12.27
C CYS B 73 -4.80 8.68 -12.00
N ILE B 74 -5.51 9.13 -13.04
CA ILE B 74 -6.66 9.98 -12.81
C ILE B 74 -7.77 9.18 -12.14
N VAL B 75 -8.41 9.78 -11.15
CA VAL B 75 -9.36 9.09 -10.29
C VAL B 75 -10.74 9.68 -10.53
N ASP B 76 -11.60 8.91 -11.18
CA ASP B 76 -13.01 9.27 -11.33
C ASP B 76 -13.77 8.77 -10.11
N ALA B 77 -15.11 8.85 -10.17
CA ALA B 77 -15.92 8.50 -9.00
C ALA B 77 -15.76 7.03 -8.61
N ASP B 78 -15.72 6.13 -9.59
CA ASP B 78 -15.62 4.70 -9.27
C ASP B 78 -14.29 4.37 -8.61
N ARG B 79 -13.19 4.92 -9.12
CA ARG B 79 -11.89 4.68 -8.50
C ARG B 79 -11.82 5.34 -7.12
N TYR B 80 -12.42 6.53 -6.99
CA TYR B 80 -12.51 7.18 -5.69
C TYR B 80 -13.21 6.28 -4.69
N VAL B 81 -14.32 5.66 -5.10
CA VAL B 81 -15.06 4.78 -4.20
C VAL B 81 -14.26 3.52 -3.89
N GLN B 82 -13.47 3.01 -4.84
CA GLN B 82 -12.62 1.85 -4.58
C GLN B 82 -11.58 2.19 -3.52
N LEU B 83 -10.92 3.34 -3.67
CA LEU B 83 -9.98 3.82 -2.65
C LEU B 83 -10.67 3.96 -1.30
N MET B 84 -11.90 4.48 -1.29
CA MET B 84 -12.61 4.65 -0.03
C MET B 84 -12.99 3.32 0.60
N GLU B 85 -13.30 2.31 -0.23
CA GLU B 85 -13.55 0.98 0.31
C GLU B 85 -12.31 0.42 0.98
N THR B 86 -11.14 0.62 0.36
CA THR B 86 -9.90 0.20 1.00
C THR B 86 -9.73 0.91 2.35
N ILE B 87 -9.92 2.23 2.35
CA ILE B 87 -9.80 3.01 3.58
C ILE B 87 -10.75 2.46 4.65
N GLU B 88 -11.97 2.12 4.25
CA GLU B 88 -12.99 1.76 5.24
C GLU B 88 -12.76 0.36 5.80
N ILE B 89 -12.29 -0.58 4.98
CA ILE B 89 -11.91 -1.87 5.55
C ILE B 89 -10.78 -1.67 6.56
N PHE B 90 -9.79 -0.83 6.22
CA PHE B 90 -8.71 -0.57 7.18
C PHE B 90 -9.25 0.04 8.49
N VAL B 91 -10.15 1.02 8.39
CA VAL B 91 -10.65 1.69 9.59
C VAL B 91 -11.45 0.72 10.46
N ASP B 92 -12.36 -0.03 9.84
CA ASP B 92 -13.19 -0.95 10.58
C ASP B 92 -12.35 -2.04 11.24
N ALA B 93 -11.37 -2.59 10.52
CA ALA B 93 -10.51 -3.61 11.13
C ALA B 93 -9.66 -3.02 12.25
N ALA B 94 -9.22 -1.76 12.10
CA ALA B 94 -8.47 -1.12 13.18
C ALA B 94 -9.31 -1.05 14.45
N ILE B 95 -10.55 -0.58 14.33
CA ILE B 95 -11.41 -0.45 15.49
C ILE B 95 -11.70 -1.82 16.09
N ALA B 96 -11.96 -2.81 15.23
CA ALA B 96 -12.23 -4.16 15.71
C ALA B 96 -11.05 -4.74 16.48
N LYS B 97 -9.85 -4.59 15.92
CA LYS B 97 -8.66 -5.11 16.59
C LYS B 97 -8.42 -4.41 17.92
N ALA B 98 -8.52 -3.08 17.94
CA ALA B 98 -8.30 -2.35 19.18
C ALA B 98 -9.31 -2.78 20.25
N ALA B 99 -10.57 -2.93 19.87
CA ALA B 99 -11.57 -3.33 20.84
C ALA B 99 -11.36 -4.77 21.30
N HIS B 100 -10.94 -5.65 20.40
CA HIS B 100 -10.84 -7.06 20.75
C HIS B 100 -9.62 -7.32 21.64
N PHE B 101 -8.49 -6.69 21.34
CA PHE B 101 -7.28 -6.89 22.13
C PHE B 101 -7.14 -5.91 23.28
N GLY B 102 -8.10 -5.01 23.46
CA GLY B 102 -8.06 -4.08 24.58
C GLY B 102 -6.91 -3.11 24.53
N TYR B 103 -6.52 -2.67 23.33
CA TYR B 103 -5.50 -1.66 23.22
C TYR B 103 -5.99 -0.34 23.81
N GLU B 104 -5.05 0.55 24.07
CA GLU B 104 -5.33 1.89 24.57
C GLU B 104 -5.34 2.85 23.39
N MET B 105 -6.53 3.31 23.00
CA MET B 105 -6.67 4.23 21.88
C MET B 105 -6.32 5.65 22.33
N ASP B 106 -5.45 6.30 21.57
CA ASP B 106 -5.10 7.71 21.82
C ASP B 106 -6.29 8.57 21.41
N LEU B 107 -7.32 8.57 22.27
CA LEU B 107 -8.53 9.34 21.96
C LEU B 107 -8.34 10.83 22.12
N GLU B 108 -7.29 11.27 22.84
CA GLU B 108 -7.02 12.70 22.94
C GLU B 108 -6.46 13.24 21.64
N LYS B 109 -5.58 12.48 20.99
CA LYS B 109 -5.11 12.85 19.67
C LYS B 109 -6.27 12.87 18.67
N LEU B 110 -7.18 11.90 18.78
CA LEU B 110 -8.33 11.86 17.88
C LEU B 110 -9.22 13.09 18.09
N TYR B 111 -9.44 13.46 19.36
CA TYR B 111 -10.21 14.66 19.64
C TYR B 111 -9.54 15.89 19.05
N ALA B 112 -8.22 15.98 19.17
CA ALA B 112 -7.50 17.11 18.58
C ALA B 112 -7.66 17.15 17.07
N ARG B 113 -7.63 15.98 16.41
CA ARG B 113 -7.78 15.93 14.96
C ARG B 113 -9.20 16.34 14.53
N MET B 114 -10.21 15.84 15.24
CA MET B 114 -11.58 16.26 14.97
C MET B 114 -11.74 17.76 15.16
N GLN B 115 -11.12 18.32 16.19
CA GLN B 115 -11.22 19.75 16.43
C GLN B 115 -10.49 20.55 15.37
N GLU B 116 -9.39 20.02 14.82
CA GLU B 116 -8.74 20.70 13.72
C GLU B 116 -9.62 20.70 12.49
N MET B 117 -10.35 19.60 12.26
CA MET B 117 -11.39 19.61 11.24
C MET B 117 -12.37 20.75 11.47
N GLU B 118 -12.90 20.84 12.70
CA GLU B 118 -13.84 21.91 13.03
C GLU B 118 -13.24 23.28 12.74
N ARG B 119 -11.98 23.48 13.12
CA ARG B 119 -11.34 24.79 12.97
C ARG B 119 -11.20 25.16 11.50
N PHE B 120 -10.70 24.24 10.69
CA PHE B 120 -10.50 24.55 9.28
C PHE B 120 -11.83 24.70 8.55
N SER B 121 -12.87 24.00 8.98
CA SER B 121 -14.20 24.24 8.42
C SER B 121 -14.71 25.63 8.80
N TYR B 122 -14.44 26.06 10.04
CA TYR B 122 -14.84 27.40 10.44
C TYR B 122 -14.10 28.46 9.66
N LEU B 123 -12.82 28.22 9.36
CA LEU B 123 -12.00 29.17 8.62
C LEU B 123 -12.19 29.08 7.12
N THR B 124 -12.93 28.08 6.62
CA THR B 124 -13.14 27.89 5.18
C THR B 124 -11.81 27.70 4.46
N ASP B 125 -10.97 26.85 5.02
CA ASP B 125 -9.68 26.46 4.45
C ASP B 125 -9.86 25.05 3.92
N LEU B 126 -10.12 24.94 2.62
CA LEU B 126 -10.56 23.66 2.06
C LEU B 126 -9.45 22.63 2.04
N GLU B 127 -8.26 23.01 1.60
CA GLU B 127 -7.15 22.07 1.55
C GLU B 127 -6.80 21.56 2.93
N ASN B 128 -6.72 22.46 3.90
CA ASN B 128 -6.40 22.05 5.26
C ASN B 128 -7.52 21.23 5.88
N TYR B 129 -8.78 21.51 5.52
CA TYR B 129 -9.88 20.68 6.01
C TYR B 129 -9.82 19.27 5.44
N PHE B 130 -9.51 19.14 4.15
CA PHE B 130 -9.31 17.82 3.56
C PHE B 130 -8.19 17.07 4.26
N ASP B 131 -7.05 17.74 4.47
CA ASP B 131 -5.94 17.12 5.16
C ASP B 131 -6.30 16.71 6.58
N ALA B 132 -7.09 17.54 7.28
CA ALA B 132 -7.46 17.24 8.66
C ALA B 132 -8.44 16.07 8.74
N HIS B 133 -9.39 16.01 7.80
CA HIS B 133 -10.26 14.84 7.67
C HIS B 133 -9.44 13.58 7.46
N HIS B 134 -8.44 13.65 6.57
CA HIS B 134 -7.56 12.51 6.33
C HIS B 134 -6.78 12.13 7.58
N ARG B 135 -6.32 13.12 8.35
CA ARG B 135 -5.54 12.82 9.55
C ARG B 135 -6.42 12.22 10.65
N PHE B 136 -7.69 12.63 10.73
CA PHE B 136 -8.63 11.97 11.62
C PHE B 136 -8.80 10.50 11.24
N ILE B 137 -8.99 10.23 9.95
CA ILE B 137 -9.09 8.85 9.51
C ILE B 137 -7.80 8.07 9.81
N LEU B 138 -6.65 8.73 9.63
CA LEU B 138 -5.38 8.07 9.89
C LEU B 138 -5.20 7.74 11.36
N CYS B 139 -5.70 8.60 12.24
CA CYS B 139 -5.66 8.33 13.68
C CYS B 139 -6.52 7.12 14.02
N LEU B 140 -7.73 7.08 13.45
CA LEU B 140 -8.57 5.89 13.60
C LEU B 140 -7.81 4.63 13.18
N ILE B 141 -7.11 4.70 12.04
CA ILE B 141 -6.41 3.52 11.54
C ILE B 141 -5.21 3.19 12.40
N SER B 142 -4.51 4.21 12.90
CA SER B 142 -3.37 3.99 13.78
C SER B 142 -3.79 3.32 15.07
N PHE B 143 -5.07 3.41 15.42
CA PHE B 143 -5.53 2.66 16.58
C PHE B 143 -5.23 1.16 16.46
N ALA B 144 -5.00 0.65 15.25
CA ALA B 144 -4.60 -0.75 15.09
C ALA B 144 -3.14 -1.01 15.42
N GLU B 145 -2.33 0.06 15.57
CA GLU B 145 -0.90 -0.08 15.77
C GLU B 145 -0.25 -0.88 14.63
N ASN B 146 -0.50 -0.39 13.41
CA ASN B 146 0.01 -1.02 12.20
C ASN B 146 0.52 0.08 11.28
N PRO B 147 1.80 0.45 11.44
CA PRO B 147 2.36 1.53 10.61
C PRO B 147 2.33 1.22 9.13
N TYR B 148 2.41 -0.06 8.74
CA TYR B 148 2.26 -0.40 7.32
C TYR B 148 0.92 0.09 6.79
N GLN B 149 -0.16 -0.16 7.56
CA GLN B 149 -1.47 0.29 7.14
C GLN B 149 -1.55 1.80 7.11
N VAL B 150 -0.92 2.47 8.10
CA VAL B 150 -0.92 3.93 8.09
C VAL B 150 -0.25 4.46 6.81
N ARG B 151 0.89 3.89 6.44
CA ARG B 151 1.61 4.36 5.25
C ARG B 151 0.80 4.08 3.98
N ILE B 152 0.15 2.92 3.91
CA ILE B 152 -0.69 2.60 2.76
C ILE B 152 -1.79 3.64 2.61
N VAL B 153 -2.48 3.94 3.70
CA VAL B 153 -3.59 4.89 3.60
C VAL B 153 -3.07 6.30 3.35
N LYS B 154 -1.86 6.62 3.80
CA LYS B 154 -1.26 7.91 3.45
C LYS B 154 -1.04 8.01 1.95
N GLN B 155 -0.55 6.93 1.34
CA GLN B 155 -0.35 6.92 -0.11
C GLN B 155 -1.69 7.08 -0.83
N ILE B 156 -2.72 6.40 -0.33
CA ILE B 156 -4.06 6.55 -0.90
C ILE B 156 -4.54 8.00 -0.80
N PHE B 157 -4.33 8.63 0.35
CA PHE B 157 -4.75 10.02 0.54
C PHE B 157 -4.00 10.94 -0.41
N PHE B 158 -2.71 10.68 -0.60
CA PHE B 158 -1.93 11.45 -1.56
C PHE B 158 -2.53 11.36 -2.95
N GLN B 159 -2.83 10.13 -3.38
CA GLN B 159 -3.39 9.94 -4.71
C GLN B 159 -4.74 10.63 -4.85
N MET B 160 -5.58 10.55 -3.82
CA MET B 160 -6.87 11.22 -3.89
C MET B 160 -6.71 12.73 -4.00
N VAL B 161 -5.89 13.31 -3.11
CA VAL B 161 -5.67 14.75 -3.09
C VAL B 161 -5.17 15.23 -4.45
N HIS B 162 -4.27 14.47 -5.08
CA HIS B 162 -3.64 14.98 -6.29
C HIS B 162 -4.35 14.57 -7.58
N PHE B 163 -5.22 13.57 -7.57
CA PHE B 163 -5.80 13.10 -8.82
C PHE B 163 -7.31 12.92 -8.79
N SER B 164 -8.00 13.42 -7.77
CA SER B 164 -9.46 13.36 -7.74
C SER B 164 -9.99 14.76 -7.46
N ASP B 165 -11.28 14.94 -7.76
CA ASP B 165 -12.01 16.14 -7.38
C ASP B 165 -12.82 15.92 -6.09
N GLY B 166 -12.49 14.88 -5.33
CA GLY B 166 -13.25 14.57 -4.13
C GLY B 166 -13.27 15.67 -3.09
N ILE B 167 -12.30 16.59 -3.14
CA ILE B 167 -12.29 17.70 -2.20
C ILE B 167 -13.43 18.67 -2.49
N ASN B 168 -13.88 18.75 -3.74
CA ASN B 168 -14.97 19.66 -4.09
C ASN B 168 -16.24 19.35 -3.30
N MET B 169 -16.42 18.09 -2.90
CA MET B 169 -17.53 17.71 -2.05
C MET B 169 -17.60 18.56 -0.79
N PHE B 170 -16.45 18.90 -0.23
CA PHE B 170 -16.39 19.69 0.99
C PHE B 170 -16.48 21.19 0.73
N LYS B 171 -16.76 21.61 -0.51
CA LYS B 171 -17.13 23.00 -0.73
C LYS B 171 -18.47 23.32 -0.09
N SER B 172 -19.29 22.30 0.18
CA SER B 172 -20.56 22.48 0.87
C SER B 172 -20.33 22.56 2.36
N VAL B 173 -20.72 23.68 2.96
CA VAL B 173 -20.64 23.83 4.41
C VAL B 173 -21.49 22.78 5.10
N GLU B 174 -22.62 22.42 4.49
CA GLU B 174 -23.50 21.42 5.08
C GLU B 174 -22.79 20.07 5.16
N ILE B 175 -22.13 19.65 4.08
CA ILE B 175 -21.40 18.39 4.08
C ILE B 175 -20.25 18.44 5.06
N ARG B 176 -19.53 19.56 5.12
CA ARG B 176 -18.43 19.68 6.06
C ARG B 176 -18.91 19.54 7.50
N GLU B 177 -20.01 20.22 7.84
CA GLU B 177 -20.52 20.18 9.19
C GLU B 177 -21.07 18.80 9.54
N TRP B 178 -21.70 18.14 8.57
CA TRP B 178 -22.15 16.77 8.81
C TRP B 178 -20.97 15.84 9.06
N THR B 179 -19.90 15.97 8.29
CA THR B 179 -18.72 15.14 8.50
C THR B 179 -18.08 15.43 9.84
N ASN B 180 -18.03 16.69 10.25
CA ASN B 180 -17.50 17.02 11.57
C ASN B 180 -18.34 16.41 12.68
N LYS B 181 -19.68 16.49 12.55
CA LYS B 181 -20.56 15.88 13.53
C LYS B 181 -20.37 14.37 13.59
N LYS B 182 -20.20 13.73 12.43
CA LYS B 182 -19.98 12.29 12.42
C LYS B 182 -18.66 11.93 13.09
N SER B 183 -17.62 12.72 12.82
CA SER B 183 -16.33 12.47 13.45
C SER B 183 -16.42 12.61 14.96
N ASN B 184 -17.14 13.63 15.44
CA ASN B 184 -17.32 13.79 16.88
C ASN B 184 -18.14 12.65 17.47
N GLN B 185 -19.16 12.19 16.75
CA GLN B 185 -19.95 11.06 17.21
C GLN B 185 -19.09 9.80 17.34
N ILE B 186 -18.21 9.59 16.36
CA ILE B 186 -17.31 8.44 16.40
C ILE B 186 -16.39 8.54 17.61
N TYR B 187 -15.80 9.72 17.82
CA TYR B 187 -14.95 9.93 18.98
C TYR B 187 -15.71 9.64 20.28
N GLU B 188 -16.94 10.14 20.39
CA GLU B 188 -17.70 9.99 21.63
C GLU B 188 -18.08 8.54 21.87
N LEU B 189 -18.51 7.83 20.83
CA LEU B 189 -18.83 6.42 20.99
C LEU B 189 -17.61 5.61 21.39
N LEU B 190 -16.46 5.92 20.78
CA LEU B 190 -15.23 5.22 21.17
C LEU B 190 -14.89 5.51 22.62
N ALA B 191 -15.02 6.76 23.05
CA ALA B 191 -14.69 7.12 24.42
C ALA B 191 -15.64 6.48 25.42
N GLU B 192 -16.90 6.27 25.04
CA GLU B 192 -17.87 5.62 25.90
C GLU B 192 -17.82 4.10 25.82
N GLY B 193 -17.08 3.55 24.85
CA GLY B 193 -16.95 2.12 24.74
C GLY B 193 -17.99 1.43 23.88
N LYS B 194 -18.84 2.19 23.19
CA LYS B 194 -19.85 1.61 22.30
C LYS B 194 -19.18 1.35 20.95
N ILE B 195 -18.50 0.21 20.88
CA ILE B 195 -17.64 -0.07 19.75
C ILE B 195 -18.47 -0.38 18.51
N GLU B 196 -19.49 -1.21 18.65
CA GLU B 196 -20.33 -1.55 17.50
C GLU B 196 -21.04 -0.32 16.97
N LEU B 197 -21.49 0.56 17.86
CA LEU B 197 -22.12 1.81 17.43
C LEU B 197 -21.12 2.69 16.70
N ALA B 198 -19.89 2.78 17.20
CA ALA B 198 -18.86 3.55 16.50
C ALA B 198 -18.58 2.97 15.12
N ARG B 199 -18.54 1.65 15.01
CA ARG B 199 -18.26 1.05 13.72
C ARG B 199 -19.38 1.29 12.73
N LYS B 200 -20.63 1.21 13.19
CA LYS B 200 -21.75 1.49 12.29
C LYS B 200 -21.81 2.97 11.94
N THR B 201 -21.35 3.86 12.84
CA THR B 201 -21.27 5.27 12.50
C THR B 201 -20.20 5.52 11.44
N ILE B 202 -19.06 4.84 11.57
CA ILE B 202 -18.01 4.92 10.55
C ILE B 202 -18.57 4.47 9.20
N LYS B 203 -19.28 3.35 9.22
CA LYS B 203 -19.86 2.82 7.98
C LYS B 203 -20.85 3.80 7.37
N SER B 204 -21.68 4.43 8.21
CA SER B 204 -22.64 5.41 7.71
C SER B 204 -21.93 6.62 7.12
N MET B 205 -20.88 7.10 7.79
CA MET B 205 -20.09 8.21 7.27
C MET B 205 -19.55 7.89 5.89
N PHE B 206 -18.94 6.72 5.75
CA PHE B 206 -18.36 6.36 4.45
C PHE B 206 -19.43 6.17 3.39
N ALA B 207 -20.59 5.62 3.76
CA ALA B 207 -21.66 5.44 2.79
C ALA B 207 -22.18 6.78 2.29
N GLU B 208 -22.36 7.74 3.19
CA GLU B 208 -22.83 9.06 2.77
C GLU B 208 -21.79 9.76 1.92
N LEU B 209 -20.52 9.63 2.26
CA LEU B 209 -19.50 10.28 1.43
C LEU B 209 -19.35 9.61 0.09
N THR B 210 -19.64 8.30 0.00
CA THR B 210 -19.68 7.62 -1.30
C THR B 210 -20.82 8.14 -2.15
N ILE B 211 -22.00 8.28 -1.54
CA ILE B 211 -23.13 8.86 -2.25
C ILE B 211 -22.77 10.24 -2.77
N GLN B 212 -22.12 11.05 -1.94
CA GLN B 212 -21.76 12.39 -2.38
C GLN B 212 -20.69 12.36 -3.47
N ALA B 213 -19.76 11.40 -3.41
CA ALA B 213 -18.77 11.26 -4.47
C ALA B 213 -19.45 10.96 -5.80
N TYR B 214 -20.51 10.16 -5.77
CA TYR B 214 -21.23 9.89 -7.02
C TYR B 214 -22.08 11.08 -7.44
N ARG B 215 -22.54 11.89 -6.47
CA ARG B 215 -23.27 13.10 -6.84
C ARG B 215 -22.34 14.17 -7.43
N LEU B 216 -21.05 14.11 -7.09
CA LEU B 216 -20.06 14.98 -7.73
C LEU B 216 -20.02 14.73 -9.23
N GLU B 217 -20.12 13.47 -9.64
CA GLU B 217 -20.01 13.12 -11.06
C GLU B 217 -21.32 13.36 -11.80
N HIS B 218 -22.46 13.25 -11.11
CA HIS B 218 -23.74 13.37 -11.80
C HIS B 218 -24.00 14.81 -12.25
N HIS B 219 -23.92 15.78 -11.33
CA HIS B 219 -24.22 17.16 -11.69
C HIS B 219 -23.27 18.14 -11.00
N HIS B 220 -22.05 17.70 -10.69
CA HIS B 220 -20.98 18.57 -10.17
C HIS B 220 -21.44 19.56 -9.11
#